data_5XCH
#
_entry.id   5XCH
#
_cell.length_a   47.310
_cell.length_b   47.310
_cell.length_c   148.000
_cell.angle_alpha   90.00
_cell.angle_beta   90.00
_cell.angle_gamma   120.00
#
_symmetry.space_group_name_H-M   'P 32'
#
loop_
_entity.id
_entity.type
_entity.pdbx_description
1 polymer 'Vacuolar protein sorting-associated protein 29'
2 non-polymer 'ZINC ION'
3 water water
#
_entity_poly.entity_id   1
_entity_poly.type   'polypeptide(L)'
_entity_poly.pdbx_seq_one_letter_code
;MLVLVIGDFHVPHRSAAIPQVFLDRLNTGRIQTVLCTGNLCGKETYDILRTLAREVHVVKGDFDEMQGLNETEVIKIGNF
KIGLMHGHQVIPWGDREALAIYQRQLDVDILITGHTHKLETKEVGGKYFLNPGSATGAYSPLVDNPVPSFMLLEINDSEL
TIYEYTLVDGSVKCERVDFNKKQQQLEHHHHHH
;
_entity_poly.pdbx_strand_id   A,B
#
loop_
_chem_comp.id
_chem_comp.type
_chem_comp.name
_chem_comp.formula
ZN non-polymer 'ZINC ION' 'Zn 2'
#
# COMPACT_ATOMS: atom_id res chain seq x y z
N MET A 1 -8.37 -15.13 -5.20
CA MET A 1 -7.14 -15.91 -5.41
C MET A 1 -5.92 -15.02 -5.20
N LEU A 2 -5.46 -14.97 -3.95
CA LEU A 2 -4.40 -14.05 -3.52
C LEU A 2 -3.11 -14.83 -3.30
N VAL A 3 -2.08 -14.50 -4.08
CA VAL A 3 -0.83 -15.24 -4.07
C VAL A 3 0.32 -14.31 -3.73
N LEU A 4 1.30 -14.85 -3.02
CA LEU A 4 2.51 -14.15 -2.61
C LEU A 4 3.59 -14.29 -3.67
N VAL A 5 4.25 -13.18 -3.97
CA VAL A 5 5.40 -13.13 -4.86
C VAL A 5 6.55 -12.48 -4.12
N ILE A 6 7.67 -13.21 -4.01
CA ILE A 6 8.81 -12.86 -3.17
C ILE A 6 10.01 -13.69 -3.61
N GLY A 7 11.19 -13.38 -3.08
CA GLY A 7 12.38 -14.18 -3.34
C GLY A 7 13.64 -13.33 -3.26
N ASP A 8 14.70 -13.83 -3.91
CA ASP A 8 15.94 -13.08 -4.14
C ASP A 8 16.51 -12.48 -2.85
N PHE A 9 16.48 -13.24 -1.76
CA PHE A 9 16.93 -12.70 -0.49
C PHE A 9 18.33 -13.15 -0.10
N HIS A 10 19.10 -13.75 -1.01
CA HIS A 10 20.45 -14.14 -0.66
C HIS A 10 21.38 -14.02 -1.85
N VAL A 11 22.67 -14.02 -1.52
CA VAL A 11 23.78 -13.97 -2.47
C VAL A 11 24.88 -14.84 -1.86
N PRO A 12 25.91 -15.25 -2.60
CA PRO A 12 26.92 -16.16 -2.03
C PRO A 12 27.65 -15.53 -0.84
N HIS A 13 27.50 -16.17 0.33
CA HIS A 13 28.32 -15.89 1.50
C HIS A 13 28.13 -14.46 2.03
N ARG A 14 26.87 -14.08 2.25
CA ARG A 14 26.56 -12.78 2.82
C ARG A 14 25.43 -12.93 3.82
N SER A 15 25.49 -12.10 4.87
CA SER A 15 24.55 -12.20 5.98
C SER A 15 23.21 -11.55 5.63
N ALA A 16 22.14 -12.20 6.05
CA ALA A 16 20.78 -11.68 5.90
C ALA A 16 19.89 -12.37 6.91
N ALA A 17 18.81 -11.67 7.29
CA ALA A 17 17.82 -12.20 8.21
C ALA A 17 16.43 -12.00 7.59
N ILE A 18 15.42 -12.53 8.27
CA ILE A 18 14.05 -12.56 7.75
C ILE A 18 13.20 -11.63 8.59
N PRO A 19 12.59 -10.59 8.01
CA PRO A 19 11.67 -9.75 8.77
C PRO A 19 10.39 -10.51 9.12
N GLN A 20 9.94 -10.33 10.37
CA GLN A 20 8.69 -10.90 10.86
C GLN A 20 7.56 -9.89 10.82
N VAL A 21 7.79 -8.70 10.24
CA VAL A 21 6.65 -7.87 9.85
C VAL A 21 5.93 -8.52 8.67
N PHE A 22 6.70 -8.84 7.62
CA PHE A 22 6.14 -9.57 6.48
C PHE A 22 5.57 -10.90 6.92
N LEU A 23 6.26 -11.62 7.80
CA LEU A 23 5.75 -12.92 8.23
C LEU A 23 4.49 -12.76 9.06
N ASP A 24 4.55 -11.92 10.09
CA ASP A 24 3.40 -11.74 11.00
C ASP A 24 2.16 -11.30 10.23
N ARG A 25 2.31 -10.43 9.24
CA ARG A 25 1.16 -10.05 8.44
C ARG A 25 0.76 -11.16 7.47
N LEU A 26 1.74 -11.83 6.87
CA LEU A 26 1.49 -12.86 5.87
C LEU A 26 1.21 -14.22 6.47
N ASN A 27 1.54 -14.43 7.75
CA ASN A 27 1.29 -15.73 8.36
C ASN A 27 -0.21 -16.05 8.39
N THR A 28 -1.03 -15.03 8.65
CA THR A 28 -2.47 -15.20 8.75
C THR A 28 -3.21 -14.82 7.48
N GLY A 29 -2.50 -14.39 6.43
CA GLY A 29 -3.11 -13.77 5.27
C GLY A 29 -4.04 -14.66 4.48
N ARG A 30 -4.05 -15.97 4.73
CA ARG A 30 -4.88 -16.93 4.01
C ARG A 30 -4.55 -16.93 2.51
N ILE A 31 -3.33 -17.38 2.23
CA ILE A 31 -2.79 -17.41 0.87
C ILE A 31 -2.79 -18.86 0.40
N GLN A 32 -3.38 -19.10 -0.78
CA GLN A 32 -3.56 -20.47 -1.26
C GLN A 32 -2.33 -21.00 -1.97
N THR A 33 -1.57 -20.14 -2.64
CA THR A 33 -0.41 -20.54 -3.42
C THR A 33 0.71 -19.54 -3.16
N VAL A 34 1.92 -19.86 -3.61
CA VAL A 34 3.05 -18.96 -3.44
C VAL A 34 3.91 -19.01 -4.70
N LEU A 35 4.34 -17.84 -5.17
CA LEU A 35 5.18 -17.71 -6.35
C LEU A 35 6.54 -17.15 -5.93
N CYS A 36 7.59 -17.94 -6.13
CA CYS A 36 8.94 -17.60 -5.71
C CYS A 36 9.85 -17.47 -6.93
N THR A 37 10.71 -16.44 -6.93
CA THR A 37 11.65 -16.31 -8.02
C THR A 37 12.94 -17.08 -7.76
N GLY A 38 13.29 -17.30 -6.49
CA GLY A 38 14.38 -18.18 -6.14
C GLY A 38 15.43 -17.48 -5.27
N ASN A 39 16.66 -17.93 -5.44
CA ASN A 39 17.79 -17.57 -4.58
C ASN A 39 17.38 -17.62 -3.10
N LEU A 40 16.96 -18.82 -2.69
CA LEU A 40 16.60 -19.05 -1.31
C LEU A 40 17.85 -19.08 -0.44
N CYS A 41 17.66 -18.76 0.85
CA CYS A 41 18.74 -18.95 1.81
C CYS A 41 19.04 -20.42 2.00
N GLY A 42 18.04 -21.27 1.85
CA GLY A 42 18.22 -22.71 1.96
C GLY A 42 16.96 -23.36 2.48
N LYS A 43 17.14 -24.55 3.04
CA LYS A 43 16.03 -25.33 3.59
C LYS A 43 15.34 -24.64 4.75
N GLU A 44 15.96 -23.62 5.34
CA GLU A 44 15.33 -22.89 6.44
C GLU A 44 14.27 -21.91 5.95
N THR A 45 14.35 -21.48 4.69
CA THR A 45 13.39 -20.54 4.14
C THR A 45 12.27 -21.21 3.38
N TYR A 46 12.60 -22.20 2.54
CA TYR A 46 11.63 -22.84 1.66
C TYR A 46 10.52 -23.56 2.42
N ASP A 47 10.63 -23.70 3.74
CA ASP A 47 9.53 -24.21 4.55
C ASP A 47 8.69 -23.09 5.17
N ILE A 48 9.32 -21.93 5.42
CA ILE A 48 8.58 -20.80 5.98
C ILE A 48 7.38 -20.47 5.11
N LEU A 49 7.56 -20.54 3.79
CA LEU A 49 6.47 -20.28 2.86
C LEU A 49 5.48 -21.44 2.77
N ARG A 50 5.81 -22.59 3.33
CA ARG A 50 4.83 -23.66 3.49
C ARG A 50 3.92 -23.41 4.68
N THR A 51 4.37 -22.64 5.67
CA THR A 51 3.47 -22.14 6.69
C THR A 51 2.49 -21.12 6.11
N LEU A 52 2.88 -20.46 5.01
CA LEU A 52 2.03 -19.42 4.41
C LEU A 52 1.01 -20.02 3.45
N ALA A 53 1.46 -20.85 2.51
CA ALA A 53 0.58 -21.45 1.52
C ALA A 53 0.88 -22.94 1.38
N ARG A 54 -0.18 -23.72 1.20
CA ARG A 54 -0.01 -25.17 1.08
C ARG A 54 0.73 -25.53 -0.20
N GLU A 55 0.64 -24.69 -1.23
CA GLU A 55 1.33 -24.91 -2.49
C GLU A 55 2.35 -23.79 -2.69
N VAL A 56 3.62 -24.18 -2.83
CA VAL A 56 4.72 -23.24 -3.04
C VAL A 56 5.39 -23.57 -4.37
N HIS A 57 5.67 -22.53 -5.15
CA HIS A 57 6.21 -22.66 -6.50
C HIS A 57 7.60 -22.03 -6.53
N VAL A 58 8.63 -22.86 -6.64
CA VAL A 58 10.01 -22.40 -6.58
C VAL A 58 10.72 -22.74 -7.88
N VAL A 59 11.72 -21.91 -8.22
CA VAL A 59 12.57 -22.11 -9.38
C VAL A 59 14.01 -21.81 -8.98
N LYS A 60 14.94 -22.04 -9.91
CA LYS A 60 16.36 -21.92 -9.62
C LYS A 60 16.92 -20.58 -10.08
N GLY A 61 17.90 -20.08 -9.33
CA GLY A 61 18.62 -18.88 -9.69
C GLY A 61 20.12 -19.04 -9.59
N ASP A 62 20.84 -17.92 -9.56
CA ASP A 62 22.30 -17.94 -9.66
C ASP A 62 22.92 -18.77 -8.54
N PHE A 63 22.43 -18.63 -7.31
CA PHE A 63 23.06 -19.26 -6.15
C PHE A 63 22.12 -20.20 -5.41
N ASP A 64 21.22 -20.85 -6.12
CA ASP A 64 20.39 -21.88 -5.51
C ASP A 64 21.16 -23.19 -5.45
N GLU A 65 20.96 -23.94 -4.36
CA GLU A 65 21.75 -25.14 -4.10
C GLU A 65 20.90 -26.37 -3.77
N MET A 66 19.58 -26.27 -3.86
CA MET A 66 18.73 -27.42 -3.60
C MET A 66 18.70 -28.33 -4.84
N GLN A 67 17.87 -29.36 -4.77
CA GLN A 67 17.64 -30.26 -5.88
C GLN A 67 16.13 -30.36 -6.15
N GLY A 68 15.78 -31.14 -7.16
CA GLY A 68 14.38 -31.33 -7.52
C GLY A 68 13.67 -30.06 -7.94
N LEU A 69 14.39 -29.10 -8.51
CA LEU A 69 13.81 -27.84 -8.92
C LEU A 69 13.89 -27.69 -10.43
N ASN A 70 13.01 -26.85 -10.96
CA ASN A 70 13.05 -26.42 -12.35
C ASN A 70 13.51 -24.98 -12.41
N GLU A 71 14.13 -24.59 -13.51
CA GLU A 71 14.60 -23.22 -13.65
C GLU A 71 13.57 -22.30 -14.28
N THR A 72 12.54 -22.87 -14.92
CA THR A 72 11.42 -22.12 -15.46
C THR A 72 10.15 -22.88 -15.11
N GLU A 73 9.03 -22.16 -15.01
CA GLU A 73 7.73 -22.80 -14.88
C GLU A 73 6.64 -21.86 -15.37
N VAL A 74 5.48 -22.43 -15.70
CA VAL A 74 4.33 -21.64 -16.12
C VAL A 74 3.12 -22.09 -15.30
N ILE A 75 2.25 -21.13 -14.96
CA ILE A 75 1.15 -21.35 -14.04
C ILE A 75 -0.11 -20.73 -14.64
N LYS A 76 -1.26 -21.29 -14.29
CA LYS A 76 -2.55 -20.79 -14.75
C LYS A 76 -3.44 -20.59 -13.51
N ILE A 77 -3.51 -19.36 -13.03
CA ILE A 77 -4.36 -19.01 -11.89
C ILE A 77 -5.46 -18.09 -12.39
N GLY A 78 -6.70 -18.40 -12.02
CA GLY A 78 -7.82 -17.68 -12.60
C GLY A 78 -7.85 -17.91 -14.09
N ASN A 79 -8.02 -16.82 -14.84
CA ASN A 79 -7.86 -16.84 -16.29
C ASN A 79 -6.54 -16.23 -16.73
N PHE A 80 -5.55 -16.24 -15.84
CA PHE A 80 -4.26 -15.62 -16.08
C PHE A 80 -3.17 -16.68 -16.11
N LYS A 81 -2.49 -16.77 -17.25
CA LYS A 81 -1.26 -17.54 -17.37
C LYS A 81 -0.08 -16.64 -17.04
N ILE A 82 0.84 -17.15 -16.24
CA ILE A 82 1.97 -16.37 -15.75
C ILE A 82 3.23 -17.22 -15.76
N GLY A 83 4.32 -16.64 -16.20
CA GLY A 83 5.58 -17.35 -16.34
C GLY A 83 6.57 -16.96 -15.27
N LEU A 84 7.04 -17.96 -14.53
CA LEU A 84 7.95 -17.78 -13.41
C LEU A 84 9.36 -18.24 -13.78
N MET A 85 10.35 -17.43 -13.40
CA MET A 85 11.75 -17.75 -13.55
C MET A 85 12.55 -16.72 -12.75
N HIS A 86 13.85 -16.99 -12.60
CA HIS A 86 14.71 -16.12 -11.81
C HIS A 86 15.23 -14.94 -12.61
N GLY A 87 15.45 -15.11 -13.91
CA GLY A 87 16.00 -14.07 -14.74
C GLY A 87 17.51 -14.01 -14.79
N HIS A 88 18.21 -14.86 -14.02
CA HIS A 88 19.66 -14.90 -14.09
C HIS A 88 20.15 -15.40 -15.45
N GLN A 89 19.27 -16.06 -16.22
CA GLN A 89 19.59 -16.48 -17.57
C GLN A 89 19.32 -15.40 -18.61
N VAL A 90 18.42 -14.46 -18.33
CA VAL A 90 18.07 -13.40 -19.27
C VAL A 90 19.26 -12.48 -19.42
N ILE A 91 19.84 -12.43 -20.61
CA ILE A 91 20.95 -11.51 -20.87
C ILE A 91 20.59 -10.59 -22.04
N PRO A 92 20.70 -9.27 -21.83
CA PRO A 92 21.12 -8.59 -20.59
C PRO A 92 20.06 -8.60 -19.50
N TRP A 93 20.50 -8.52 -18.24
CA TRP A 93 19.57 -8.49 -17.12
C TRP A 93 18.69 -7.24 -17.18
N GLY A 94 17.40 -7.42 -16.93
CA GLY A 94 16.47 -6.32 -16.84
C GLY A 94 16.21 -5.56 -18.12
N ASP A 95 16.76 -6.01 -19.25
CA ASP A 95 16.53 -5.29 -20.51
C ASP A 95 15.08 -5.44 -20.95
N ARG A 96 14.49 -4.32 -21.38
CA ARG A 96 13.06 -4.30 -21.65
C ARG A 96 12.68 -5.24 -22.78
N GLU A 97 13.55 -5.36 -23.80
CA GLU A 97 13.20 -6.19 -24.95
C GLU A 97 13.36 -7.67 -24.65
N ALA A 98 14.38 -8.04 -23.88
CA ALA A 98 14.62 -9.45 -23.58
C ALA A 98 13.45 -10.05 -22.81
N LEU A 99 12.92 -9.32 -21.83
CA LEU A 99 11.72 -9.78 -21.14
C LEU A 99 10.55 -9.92 -22.10
N ALA A 100 10.45 -9.00 -23.06
CA ALA A 100 9.34 -9.05 -24.02
C ALA A 100 9.43 -10.29 -24.90
N ILE A 101 10.59 -10.54 -25.52
CA ILE A 101 10.72 -11.71 -26.38
C ILE A 101 10.54 -12.97 -25.56
N TYR A 102 11.08 -13.01 -24.34
CA TYR A 102 10.83 -14.14 -23.46
C TYR A 102 9.34 -14.33 -23.21
N GLN A 103 8.57 -13.23 -23.20
CA GLN A 103 7.15 -13.32 -22.90
C GLN A 103 6.31 -13.71 -24.10
N ARG A 104 6.73 -13.39 -25.33
CA ARG A 104 6.07 -14.00 -26.47
C ARG A 104 6.50 -15.45 -26.62
N GLN A 105 7.70 -15.79 -26.16
CA GLN A 105 8.21 -17.15 -26.27
C GLN A 105 7.52 -18.09 -25.29
N LEU A 106 7.21 -17.61 -24.10
CA LEU A 106 6.56 -18.43 -23.09
C LEU A 106 5.04 -18.34 -23.12
N ASP A 107 4.49 -17.52 -24.03
CA ASP A 107 3.04 -17.38 -24.22
C ASP A 107 2.32 -17.16 -22.90
N VAL A 108 2.90 -16.31 -22.05
CA VAL A 108 2.27 -15.95 -20.80
C VAL A 108 1.67 -14.55 -20.94
N ASP A 109 0.87 -14.17 -19.96
CA ASP A 109 0.41 -12.79 -19.84
C ASP A 109 1.24 -11.98 -18.86
N ILE A 110 1.91 -12.66 -17.93
CA ILE A 110 2.66 -12.03 -16.85
C ILE A 110 3.95 -12.81 -16.66
N LEU A 111 5.07 -12.10 -16.51
CA LEU A 111 6.36 -12.74 -16.32
C LEU A 111 7.02 -12.16 -15.07
N ILE A 112 7.19 -12.99 -14.05
CA ILE A 112 7.94 -12.60 -12.86
C ILE A 112 9.42 -12.73 -13.13
N THR A 113 10.19 -11.72 -12.73
CA THR A 113 11.63 -11.76 -12.84
C THR A 113 12.24 -11.50 -11.47
N GLY A 114 13.50 -11.90 -11.32
CA GLY A 114 14.26 -11.57 -10.13
C GLY A 114 15.66 -11.14 -10.54
N HIS A 115 16.58 -11.05 -9.57
CA HIS A 115 18.00 -10.76 -9.72
C HIS A 115 18.27 -9.26 -9.90
N THR A 116 17.26 -8.43 -10.12
CA THR A 116 17.45 -6.99 -10.13
C THR A 116 17.34 -6.37 -8.74
N HIS A 117 16.62 -7.04 -7.83
CA HIS A 117 16.42 -6.61 -6.45
C HIS A 117 15.53 -5.38 -6.33
N LYS A 118 14.74 -5.06 -7.36
CA LYS A 118 13.81 -3.94 -7.29
C LYS A 118 12.39 -4.43 -7.61
N LEU A 119 11.41 -3.59 -7.30
CA LEU A 119 10.01 -3.97 -7.40
C LEU A 119 9.51 -3.90 -8.85
N GLU A 120 9.78 -2.80 -9.54
CA GLU A 120 9.58 -2.63 -10.98
C GLU A 120 8.43 -3.45 -11.56
N THR A 121 7.21 -2.91 -11.55
CA THR A 121 6.07 -3.52 -12.21
C THR A 121 5.70 -2.65 -13.39
N LYS A 122 5.94 -3.14 -14.60
CA LYS A 122 5.67 -2.37 -15.81
C LYS A 122 4.74 -3.16 -16.72
N GLU A 123 3.68 -2.53 -17.18
CA GLU A 123 2.71 -3.13 -18.08
C GLU A 123 2.85 -2.50 -19.46
N VAL A 124 2.81 -3.34 -20.50
CA VAL A 124 3.01 -2.88 -21.88
C VAL A 124 1.77 -3.18 -22.70
N GLY A 125 1.87 -4.16 -23.60
CA GLY A 125 0.77 -4.47 -24.49
C GLY A 125 -0.34 -5.25 -23.83
N GLY A 126 -0.72 -4.83 -22.62
CA GLY A 126 -1.55 -5.64 -21.77
C GLY A 126 -0.79 -6.70 -21.00
N LYS A 127 0.53 -6.69 -21.09
CA LYS A 127 1.39 -7.68 -20.43
C LYS A 127 2.04 -7.05 -19.20
N TYR A 128 2.07 -7.79 -18.10
CA TYR A 128 2.49 -7.26 -16.81
C TYR A 128 3.83 -7.86 -16.41
N PHE A 129 4.75 -7.01 -15.95
CA PHE A 129 6.07 -7.43 -15.49
C PHE A 129 6.20 -7.09 -14.01
N LEU A 130 6.42 -8.12 -13.20
CA LEU A 130 6.46 -8.00 -11.75
C LEU A 130 7.79 -8.57 -11.24
N ASN A 131 8.52 -7.74 -10.49
CA ASN A 131 9.75 -8.16 -9.83
C ASN A 131 9.55 -8.01 -8.33
N PRO A 132 9.70 -9.08 -7.53
CA PRO A 132 9.51 -8.91 -6.08
C PRO A 132 10.46 -7.91 -5.45
N GLY A 133 11.65 -7.74 -6.03
CA GLY A 133 12.70 -7.02 -5.36
C GLY A 133 13.33 -7.91 -4.32
N SER A 134 14.39 -7.45 -3.67
CA SER A 134 15.06 -8.27 -2.67
C SER A 134 14.17 -8.38 -1.43
N ALA A 135 13.74 -9.60 -1.11
CA ALA A 135 12.82 -9.81 0.01
C ALA A 135 13.41 -9.36 1.32
N THR A 136 14.72 -9.48 1.49
CA THR A 136 15.41 -9.04 2.69
C THR A 136 16.42 -7.94 2.39
N GLY A 137 16.28 -7.28 1.24
CA GLY A 137 17.22 -6.23 0.85
C GLY A 137 18.63 -6.75 0.69
N ALA A 138 18.79 -7.85 -0.03
CA ALA A 138 20.10 -8.45 -0.20
C ALA A 138 20.99 -7.58 -1.10
N TYR A 139 22.29 -7.75 -0.94
CA TYR A 139 23.28 -6.94 -1.63
C TYR A 139 23.57 -7.52 -3.01
N SER A 140 23.48 -6.67 -4.03
CA SER A 140 23.73 -7.05 -5.40
C SER A 140 24.58 -5.97 -6.06
N PRO A 141 25.29 -6.30 -7.14
CA PRO A 141 26.00 -5.26 -7.90
C PRO A 141 25.05 -4.17 -8.39
N LEU A 142 23.78 -4.51 -8.53
CA LEU A 142 22.80 -3.53 -9.02
C LEU A 142 22.47 -2.50 -7.95
N VAL A 143 22.18 -2.94 -6.73
CA VAL A 143 21.75 -2.04 -5.66
C VAL A 143 22.65 -2.21 -4.45
N ASP A 144 23.06 -1.09 -3.84
CA ASP A 144 23.79 -1.12 -2.59
C ASP A 144 23.01 -0.59 -1.40
N ASN A 145 21.99 0.24 -1.64
CA ASN A 145 21.02 0.61 -0.61
C ASN A 145 19.67 0.01 -0.95
N PRO A 146 19.50 -1.31 -0.85
CA PRO A 146 18.23 -1.93 -1.23
C PRO A 146 17.23 -1.92 -0.09
N VAL A 147 15.98 -2.10 -0.44
CA VAL A 147 14.91 -2.17 0.55
C VAL A 147 14.32 -3.57 0.51
N PRO A 148 13.93 -4.14 1.65
CA PRO A 148 13.11 -5.36 1.61
C PRO A 148 11.78 -5.06 0.93
N SER A 149 11.29 -6.03 0.16
CA SER A 149 10.07 -5.80 -0.60
C SER A 149 9.41 -7.13 -0.91
N PHE A 150 8.13 -7.08 -1.24
CA PHE A 150 7.45 -8.19 -1.88
C PHE A 150 6.15 -7.67 -2.49
N MET A 151 5.47 -8.54 -3.22
CA MET A 151 4.23 -8.15 -3.89
C MET A 151 3.19 -9.25 -3.74
N LEU A 152 1.97 -8.86 -3.40
CA LEU A 152 0.85 -9.79 -3.36
C LEU A 152 -0.07 -9.49 -4.53
N LEU A 153 -0.72 -10.53 -5.05
CA LEU A 153 -1.64 -10.28 -6.16
C LEU A 153 -2.86 -11.18 -6.06
N GLU A 154 -4.05 -10.58 -6.06
CA GLU A 154 -5.28 -11.34 -6.08
C GLU A 154 -5.85 -11.32 -7.49
N ILE A 155 -6.02 -12.52 -8.05
CA ILE A 155 -6.52 -12.71 -9.40
C ILE A 155 -7.95 -13.25 -9.28
N ASN A 156 -8.93 -12.35 -9.35
CA ASN A 156 -10.33 -12.77 -9.52
C ASN A 156 -10.58 -12.86 -11.01
N ASP A 157 -10.47 -14.07 -11.55
CA ASP A 157 -10.65 -14.31 -12.98
C ASP A 157 -9.74 -13.38 -13.79
N SER A 158 -10.34 -12.48 -14.57
CA SER A 158 -9.56 -11.59 -15.42
C SER A 158 -9.13 -10.30 -14.73
N GLU A 159 -9.65 -10.01 -13.55
CA GLU A 159 -9.31 -8.80 -12.81
C GLU A 159 -8.24 -9.11 -11.77
N LEU A 160 -7.14 -8.37 -11.81
CA LEU A 160 -5.97 -8.65 -10.98
C LEU A 160 -5.57 -7.40 -10.22
N THR A 161 -5.35 -7.54 -8.91
CA THR A 161 -4.95 -6.43 -8.06
C THR A 161 -3.60 -6.74 -7.41
N ILE A 162 -2.71 -5.75 -7.44
CA ILE A 162 -1.32 -5.91 -6.97
C ILE A 162 -1.11 -5.04 -5.75
N TYR A 163 -0.29 -5.52 -4.83
CA TYR A 163 0.01 -4.85 -3.56
C TYR A 163 1.52 -4.85 -3.39
N GLU A 164 2.12 -3.66 -3.41
CA GLU A 164 3.58 -3.49 -3.37
C GLU A 164 3.98 -3.14 -1.95
N TYR A 165 4.50 -4.12 -1.22
CA TYR A 165 4.88 -3.92 0.18
C TYR A 165 6.38 -3.67 0.27
N THR A 166 6.75 -2.58 0.96
CA THR A 166 8.15 -2.23 1.15
C THR A 166 8.37 -1.78 2.60
N LEU A 167 9.37 -2.36 3.25
CA LEU A 167 9.74 -1.97 4.61
C LEU A 167 10.77 -0.85 4.52
N VAL A 168 10.27 0.38 4.42
CA VAL A 168 11.12 1.54 4.14
C VAL A 168 11.43 2.25 5.45
N ASP A 169 12.70 2.16 5.88
CA ASP A 169 13.23 2.93 7.00
C ASP A 169 12.40 2.74 8.27
N GLY A 170 11.97 1.51 8.52
CA GLY A 170 11.17 1.19 9.68
C GLY A 170 9.68 1.37 9.49
N SER A 171 9.24 1.92 8.37
CA SER A 171 7.83 2.07 8.05
C SER A 171 7.44 1.08 6.96
N VAL A 172 6.30 0.43 7.13
CA VAL A 172 5.77 -0.49 6.13
C VAL A 172 4.84 0.27 5.21
N LYS A 173 5.09 0.18 3.90
CA LYS A 173 4.32 0.88 2.89
C LYS A 173 3.67 -0.13 1.96
N CYS A 174 2.45 0.18 1.53
CA CYS A 174 1.73 -0.60 0.53
C CYS A 174 1.31 0.31 -0.61
N GLU A 175 1.68 -0.07 -1.83
CA GLU A 175 1.32 0.64 -3.05
C GLU A 175 0.49 -0.32 -3.91
N ARG A 176 -0.82 -0.09 -3.96
CA ARG A 176 -1.76 -1.01 -4.57
C ARG A 176 -2.18 -0.50 -5.95
N VAL A 177 -2.32 -1.44 -6.89
CA VAL A 177 -2.73 -1.14 -8.26
C VAL A 177 -3.90 -2.06 -8.62
N ASP A 178 -4.87 -1.52 -9.34
CA ASP A 178 -6.03 -2.28 -9.80
C ASP A 178 -5.93 -2.48 -11.30
N PHE A 179 -5.92 -3.75 -11.72
CA PHE A 179 -5.96 -4.10 -13.13
C PHE A 179 -7.15 -5.01 -13.39
N ASN A 180 -7.64 -4.98 -14.63
CA ASN A 180 -8.80 -5.77 -15.02
C ASN A 180 -8.49 -6.61 -16.25
N MET B 1 -16.60 6.51 -6.29
CA MET B 1 -16.70 7.93 -6.60
C MET B 1 -16.73 8.78 -5.33
N LEU B 2 -17.39 8.28 -4.29
CA LEU B 2 -17.59 9.04 -3.06
C LEU B 2 -16.71 8.49 -1.95
N VAL B 3 -15.84 9.34 -1.41
CA VAL B 3 -14.83 8.95 -0.44
C VAL B 3 -14.93 9.85 0.78
N LEU B 4 -14.81 9.24 1.95
CA LEU B 4 -14.72 9.97 3.20
C LEU B 4 -13.26 10.07 3.62
N VAL B 5 -12.83 11.27 3.99
CA VAL B 5 -11.50 11.49 4.57
C VAL B 5 -11.72 11.94 6.01
N ILE B 6 -11.20 11.15 6.95
CA ILE B 6 -11.41 11.43 8.37
C ILE B 6 -10.25 10.83 9.17
N GLY B 7 -10.23 11.07 10.48
CA GLY B 7 -9.20 10.50 11.32
C GLY B 7 -8.97 11.36 12.56
N ASP B 8 -7.88 11.04 13.25
CA ASP B 8 -7.41 11.81 14.42
C ASP B 8 -8.49 11.90 15.49
N PHE B 9 -8.98 10.74 15.92
CA PHE B 9 -10.15 10.69 16.79
C PHE B 9 -9.84 10.81 18.27
N HIS B 10 -8.59 10.63 18.70
CA HIS B 10 -8.37 10.56 20.14
C HIS B 10 -6.93 10.91 20.49
N VAL B 11 -6.75 11.16 21.79
CA VAL B 11 -5.48 11.51 22.43
C VAL B 11 -5.09 10.31 23.29
N PRO B 12 -3.96 10.31 24.05
CA PRO B 12 -3.55 9.08 24.74
C PRO B 12 -4.59 8.51 25.70
N HIS B 13 -4.85 9.23 26.80
CA HIS B 13 -5.75 8.73 27.84
C HIS B 13 -6.68 9.85 28.33
N ARG B 14 -7.51 10.37 27.42
CA ARG B 14 -8.49 11.39 27.78
C ARG B 14 -9.85 11.03 27.18
N SER B 15 -10.91 11.32 27.94
CA SER B 15 -12.25 10.87 27.58
C SER B 15 -12.79 11.64 26.39
N ALA B 16 -13.59 10.94 25.57
CA ALA B 16 -14.22 11.52 24.41
C ALA B 16 -15.40 10.65 23.99
N ALA B 17 -16.35 11.28 23.31
CA ALA B 17 -17.51 10.58 22.77
C ALA B 17 -17.78 11.06 21.35
N ILE B 18 -18.07 10.12 20.47
CA ILE B 18 -18.23 10.41 19.03
C ILE B 18 -19.41 11.34 18.81
N PRO B 19 -19.30 12.35 17.96
CA PRO B 19 -20.51 13.04 17.48
C PRO B 19 -21.26 12.15 16.51
N GLN B 20 -22.55 11.94 16.79
CA GLN B 20 -23.36 11.06 15.97
C GLN B 20 -24.29 11.81 15.04
N VAL B 21 -24.15 13.14 14.94
CA VAL B 21 -24.72 13.83 13.78
C VAL B 21 -23.98 13.41 12.52
N PHE B 22 -22.65 13.37 12.60
CA PHE B 22 -21.83 12.98 11.45
C PHE B 22 -22.11 11.55 11.03
N LEU B 23 -22.19 10.62 11.98
CA LEU B 23 -22.46 9.24 11.57
C LEU B 23 -23.92 9.07 11.21
N ASP B 24 -24.84 9.64 12.00
CA ASP B 24 -26.26 9.50 11.70
C ASP B 24 -26.57 9.99 10.30
N ARG B 25 -25.80 10.96 9.79
CA ARG B 25 -25.94 11.36 8.40
C ARG B 25 -25.10 10.48 7.46
N LEU B 26 -23.92 10.07 7.91
CA LEU B 26 -22.93 9.45 7.04
C LEU B 26 -23.20 7.98 6.79
N ASN B 27 -23.89 7.30 7.71
CA ASN B 27 -24.12 5.87 7.55
C ASN B 27 -24.95 5.56 6.31
N THR B 28 -25.78 6.50 5.88
CA THR B 28 -26.63 6.33 4.71
C THR B 28 -26.10 7.03 3.47
N GLY B 29 -24.94 7.69 3.56
CA GLY B 29 -24.47 8.56 2.50
C GLY B 29 -24.10 7.87 1.20
N ARG B 30 -24.13 6.53 1.17
CA ARG B 30 -23.71 5.76 -0.01
C ARG B 30 -22.26 6.06 -0.37
N ILE B 31 -21.40 5.98 0.64
CA ILE B 31 -19.99 6.34 0.49
C ILE B 31 -19.27 5.17 -0.16
N GLN B 32 -18.56 5.44 -1.26
CA GLN B 32 -17.82 4.37 -1.92
C GLN B 32 -16.72 3.82 -1.01
N THR B 33 -15.84 4.70 -0.52
CA THR B 33 -14.73 4.21 0.28
C THR B 33 -14.33 5.20 1.37
N VAL B 34 -13.58 4.69 2.35
CA VAL B 34 -13.16 5.43 3.52
C VAL B 34 -11.64 5.50 3.57
N LEU B 35 -11.12 6.72 3.75
CA LEU B 35 -9.71 7.00 3.94
C LEU B 35 -9.53 7.63 5.30
N CYS B 36 -8.77 6.96 6.16
CA CYS B 36 -8.48 7.42 7.51
C CYS B 36 -7.01 7.79 7.61
N THR B 37 -6.71 8.87 8.32
CA THR B 37 -5.33 9.23 8.62
C THR B 37 -4.80 8.52 9.85
N GLY B 38 -5.68 7.93 10.66
CA GLY B 38 -5.29 7.23 11.85
C GLY B 38 -5.74 7.94 13.11
N ASN B 39 -5.07 7.61 14.21
CA ASN B 39 -5.37 8.14 15.54
C ASN B 39 -6.84 7.92 15.91
N LEU B 40 -7.27 6.67 15.75
CA LEU B 40 -8.57 6.22 16.22
C LEU B 40 -8.59 6.23 17.75
N CYS B 41 -9.79 6.09 18.33
CA CYS B 41 -9.84 5.84 19.77
C CYS B 41 -9.48 4.40 20.08
N GLY B 42 -9.71 3.49 19.15
CA GLY B 42 -9.32 2.09 19.32
C GLY B 42 -10.08 1.19 18.36
N LYS B 43 -10.27 -0.06 18.81
CA LYS B 43 -10.97 -1.03 17.98
C LYS B 43 -12.46 -0.69 17.87
N GLU B 44 -13.05 -0.15 18.94
CA GLU B 44 -14.45 0.23 18.91
C GLU B 44 -14.71 1.40 17.98
N THR B 45 -13.66 2.14 17.60
CA THR B 45 -13.83 3.26 16.68
C THR B 45 -13.79 2.80 15.23
N TYR B 46 -12.97 1.79 14.93
CA TYR B 46 -12.80 1.37 13.54
C TYR B 46 -14.06 0.70 13.00
N ASP B 47 -14.62 -0.25 13.77
CA ASP B 47 -15.75 -1.03 13.26
C ASP B 47 -16.92 -0.15 12.90
N ILE B 48 -17.04 1.02 13.54
CA ILE B 48 -18.11 1.96 13.20
C ILE B 48 -18.09 2.26 11.71
N LEU B 49 -16.91 2.31 11.10
CA LEU B 49 -16.74 2.59 9.69
C LEU B 49 -17.11 1.40 8.79
N ARG B 50 -17.70 0.34 9.35
CA ARG B 50 -18.16 -0.78 8.53
C ARG B 50 -19.50 -0.50 7.88
N THR B 51 -20.38 0.23 8.58
CA THR B 51 -21.64 0.66 7.97
C THR B 51 -21.41 1.69 6.88
N LEU B 52 -20.27 2.38 6.90
CA LEU B 52 -20.10 3.57 6.07
C LEU B 52 -19.71 3.22 4.64
N ALA B 53 -18.60 2.51 4.47
CA ALA B 53 -18.13 2.20 3.14
C ALA B 53 -17.51 0.80 3.11
N ARG B 54 -17.46 0.24 1.89
CA ARG B 54 -16.89 -1.09 1.70
C ARG B 54 -15.44 -1.14 2.15
N GLU B 55 -14.57 -0.33 1.54
CA GLU B 55 -13.15 -0.41 1.76
C GLU B 55 -12.67 0.75 2.63
N VAL B 56 -12.09 0.42 3.77
CA VAL B 56 -11.55 1.38 4.73
C VAL B 56 -10.03 1.29 4.69
N HIS B 57 -9.36 2.44 4.69
CA HIS B 57 -7.91 2.53 4.56
C HIS B 57 -7.36 3.30 5.75
N VAL B 58 -6.42 2.69 6.48
CA VAL B 58 -5.95 3.22 7.76
C VAL B 58 -4.43 3.34 7.78
N VAL B 59 -3.93 4.11 8.76
CA VAL B 59 -2.53 4.49 8.93
C VAL B 59 -2.13 4.22 10.39
N LYS B 60 -0.84 4.42 10.69
CA LYS B 60 -0.30 4.50 12.05
C LYS B 60 -0.04 5.94 12.46
N GLY B 61 -0.23 6.21 13.74
CA GLY B 61 0.06 7.53 14.29
C GLY B 61 0.61 7.45 15.69
N ASP B 62 0.26 8.47 16.48
CA ASP B 62 0.88 8.67 17.79
C ASP B 62 0.52 7.55 18.77
N PHE B 63 -0.78 7.34 18.98
CA PHE B 63 -1.27 6.41 20.00
C PHE B 63 -2.16 5.35 19.37
N ASP B 64 -1.75 4.81 18.23
CA ASP B 64 -2.48 3.75 17.54
C ASP B 64 -1.80 2.42 17.81
N GLU B 65 -2.60 1.38 18.09
CA GLU B 65 -2.07 0.12 18.58
C GLU B 65 -2.56 -1.12 17.83
N MET B 66 -3.35 -0.97 16.78
CA MET B 66 -3.75 -2.16 16.05
C MET B 66 -2.52 -2.81 15.43
N GLN B 67 -2.71 -3.95 14.76
CA GLN B 67 -1.65 -4.58 13.96
C GLN B 67 -2.28 -5.14 12.70
N GLY B 68 -1.43 -5.50 11.74
CA GLY B 68 -1.92 -5.85 10.42
C GLY B 68 -2.16 -4.63 9.57
N LEU B 69 -1.25 -3.68 9.61
CA LEU B 69 -1.62 -2.33 9.23
C LEU B 69 -0.36 -1.71 8.65
N ASN B 70 -0.51 -0.73 7.75
CA ASN B 70 0.64 -0.16 7.04
C ASN B 70 0.77 1.33 7.35
N GLU B 71 2.01 1.86 7.32
CA GLU B 71 2.28 3.25 7.69
C GLU B 71 1.99 4.24 6.56
N THR B 72 2.12 3.81 5.31
CA THR B 72 1.90 4.66 4.16
C THR B 72 1.06 3.88 3.16
N GLU B 73 0.26 4.59 2.37
CA GLU B 73 -0.45 3.89 1.30
C GLU B 73 -0.62 4.82 0.10
N VAL B 74 -0.93 4.22 -1.05
CA VAL B 74 -1.29 4.96 -2.24
C VAL B 74 -2.52 4.32 -2.86
N ILE B 75 -3.41 5.16 -3.39
CA ILE B 75 -4.72 4.74 -3.88
C ILE B 75 -4.92 5.38 -5.24
N LYS B 76 -5.81 4.79 -6.04
CA LYS B 76 -6.14 5.34 -7.36
C LYS B 76 -7.63 5.21 -7.58
N ILE B 77 -8.33 6.34 -7.55
CA ILE B 77 -9.76 6.41 -7.83
C ILE B 77 -9.93 7.26 -9.08
N GLY B 78 -10.62 6.70 -10.07
CA GLY B 78 -10.68 7.35 -11.37
C GLY B 78 -9.27 7.48 -11.91
N ASN B 79 -8.86 8.70 -12.22
CA ASN B 79 -7.49 8.99 -12.63
C ASN B 79 -6.74 9.78 -11.56
N PHE B 80 -7.03 9.50 -10.29
CA PHE B 80 -6.43 10.22 -9.17
C PHE B 80 -5.66 9.26 -8.28
N LYS B 81 -4.35 9.43 -8.22
CA LYS B 81 -3.53 8.80 -7.20
C LYS B 81 -3.51 9.68 -5.95
N ILE B 82 -3.70 9.05 -4.79
CA ILE B 82 -3.69 9.73 -3.50
C ILE B 82 -2.68 9.04 -2.59
N GLY B 83 -1.91 9.84 -1.86
CA GLY B 83 -0.97 9.31 -0.89
C GLY B 83 -1.45 9.50 0.52
N LEU B 84 -1.69 8.39 1.22
CA LEU B 84 -2.24 8.42 2.58
C LEU B 84 -1.13 8.25 3.60
N MET B 85 -1.14 9.12 4.61
CA MET B 85 -0.16 9.14 5.69
C MET B 85 -0.78 9.87 6.87
N HIS B 86 -0.08 9.84 8.00
CA HIS B 86 -0.55 10.44 9.24
C HIS B 86 0.05 11.82 9.50
N GLY B 87 1.31 12.04 9.13
CA GLY B 87 1.96 13.30 9.34
C GLY B 87 2.95 13.31 10.49
N HIS B 88 2.83 12.37 11.42
CA HIS B 88 3.80 12.28 12.53
C HIS B 88 5.21 11.99 12.03
N GLN B 89 5.34 11.51 10.79
CA GLN B 89 6.65 11.22 10.22
C GLN B 89 7.29 12.42 9.52
N VAL B 90 6.49 13.35 9.02
CA VAL B 90 7.01 14.49 8.26
C VAL B 90 7.59 15.51 9.22
N ILE B 91 8.84 15.88 9.02
CA ILE B 91 9.47 16.93 9.80
C ILE B 91 10.07 17.98 8.87
N PRO B 92 9.77 19.27 9.11
CA PRO B 92 8.89 19.76 10.18
C PRO B 92 7.40 19.51 9.92
N TRP B 93 6.64 19.39 11.00
CA TRP B 93 5.21 19.16 10.88
C TRP B 93 4.53 20.34 10.19
N GLY B 94 3.53 20.04 9.36
CA GLY B 94 2.72 21.05 8.69
C GLY B 94 3.57 22.02 7.89
N ASP B 95 4.58 21.50 7.21
CA ASP B 95 5.43 22.29 6.33
C ASP B 95 4.94 22.12 4.90
N ARG B 96 4.76 23.25 4.20
CA ARG B 96 4.26 23.18 2.83
C ARG B 96 5.31 22.63 1.87
N GLU B 97 6.59 22.86 2.15
CA GLU B 97 7.63 22.39 1.23
C GLU B 97 7.95 20.92 1.47
N ALA B 98 7.94 20.47 2.73
CA ALA B 98 8.24 19.08 3.02
C ALA B 98 7.16 18.16 2.46
N LEU B 99 5.89 18.54 2.61
CA LEU B 99 4.81 17.77 2.00
C LEU B 99 4.88 17.81 0.48
N ALA B 100 5.36 18.92 -0.08
CA ALA B 100 5.59 18.96 -1.52
C ALA B 100 6.64 17.94 -1.94
N ILE B 101 7.77 17.92 -1.24
CA ILE B 101 8.84 16.98 -1.57
C ILE B 101 8.34 15.55 -1.44
N TYR B 102 7.64 15.25 -0.34
CA TYR B 102 7.13 13.90 -0.17
C TYR B 102 6.04 13.56 -1.18
N GLN B 103 5.37 14.56 -1.75
CA GLN B 103 4.49 14.30 -2.89
C GLN B 103 5.31 13.91 -4.10
N ARG B 104 6.38 14.66 -4.39
CA ARG B 104 7.24 14.32 -5.51
C ARG B 104 7.86 12.94 -5.36
N GLN B 105 8.08 12.51 -4.11
CA GLN B 105 8.66 11.19 -3.86
C GLN B 105 7.60 10.09 -3.92
N LEU B 106 6.39 10.38 -3.45
CA LEU B 106 5.30 9.41 -3.47
C LEU B 106 4.55 9.38 -4.78
N ASP B 107 4.85 10.30 -5.70
CA ASP B 107 4.28 10.32 -7.05
C ASP B 107 2.75 10.23 -7.01
N VAL B 108 2.15 11.05 -6.16
CA VAL B 108 0.70 11.12 -6.06
C VAL B 108 0.23 12.44 -6.65
N ASP B 109 -1.08 12.55 -6.84
CA ASP B 109 -1.70 13.83 -7.17
C ASP B 109 -2.24 14.53 -5.95
N ILE B 110 -2.55 13.79 -4.89
CA ILE B 110 -3.19 14.30 -3.68
C ILE B 110 -2.56 13.59 -2.49
N LEU B 111 -2.27 14.34 -1.43
CA LEU B 111 -1.72 13.75 -0.21
C LEU B 111 -2.55 14.17 0.99
N ILE B 112 -2.97 13.20 1.77
CA ILE B 112 -3.77 13.42 2.96
C ILE B 112 -2.85 13.50 4.17
N THR B 113 -3.11 14.48 5.03
CA THR B 113 -2.30 14.73 6.22
C THR B 113 -3.19 14.77 7.45
N GLY B 114 -2.64 14.30 8.57
CA GLY B 114 -3.25 14.51 9.87
C GLY B 114 -2.27 15.11 10.86
N HIS B 115 -2.57 14.97 12.15
CA HIS B 115 -1.68 15.30 13.25
C HIS B 115 -1.63 16.79 13.57
N THR B 116 -2.09 17.64 12.66
CA THR B 116 -2.33 19.03 13.02
C THR B 116 -3.68 19.22 13.69
N HIS B 117 -4.62 18.30 13.48
CA HIS B 117 -5.95 18.34 14.06
C HIS B 117 -6.74 19.57 13.59
N LYS B 118 -6.44 20.06 12.39
CA LYS B 118 -7.16 21.16 11.78
C LYS B 118 -7.46 20.83 10.33
N LEU B 119 -8.57 21.37 9.82
CA LEU B 119 -8.97 21.12 8.45
C LEU B 119 -8.40 22.21 7.56
N GLU B 120 -7.61 21.80 6.58
CA GLU B 120 -7.15 22.71 5.55
C GLU B 120 -6.87 21.92 4.28
N THR B 121 -7.16 22.55 3.14
CA THR B 121 -6.81 22.04 1.83
C THR B 121 -6.05 23.15 1.11
N LYS B 122 -4.78 22.89 0.80
CA LYS B 122 -3.95 23.85 0.07
C LYS B 122 -3.41 23.16 -1.18
N GLU B 123 -3.48 23.86 -2.30
CA GLU B 123 -3.19 23.30 -3.62
C GLU B 123 -2.02 24.05 -4.24
N VAL B 124 -0.98 23.30 -4.60
CA VAL B 124 0.26 23.84 -5.14
C VAL B 124 0.57 23.10 -6.44
N GLY B 125 0.72 23.84 -7.53
CA GLY B 125 1.06 23.25 -8.81
C GLY B 125 0.07 22.21 -9.29
N GLY B 126 -1.21 22.38 -8.98
CA GLY B 126 -2.21 21.41 -9.33
C GLY B 126 -2.36 20.25 -8.36
N LYS B 127 -1.56 20.21 -7.30
CA LYS B 127 -1.57 19.12 -6.32
C LYS B 127 -2.31 19.57 -5.07
N TYR B 128 -3.19 18.72 -4.57
CA TYR B 128 -4.08 19.07 -3.48
C TYR B 128 -3.62 18.41 -2.18
N PHE B 129 -3.63 19.19 -1.09
CA PHE B 129 -3.27 18.72 0.23
C PHE B 129 -4.45 18.91 1.18
N LEU B 130 -4.83 17.82 1.85
CA LEU B 130 -6.13 17.70 2.51
C LEU B 130 -5.93 17.14 3.92
N ASN B 131 -6.52 17.81 4.92
CA ASN B 131 -6.44 17.43 6.32
C ASN B 131 -7.86 17.30 6.84
N PRO B 132 -8.26 16.18 7.38
CA PRO B 132 -9.62 16.06 7.95
C PRO B 132 -9.82 16.94 9.18
N GLY B 133 -8.73 17.27 9.87
CA GLY B 133 -8.81 17.90 11.16
C GLY B 133 -9.18 16.86 12.21
N SER B 134 -9.33 17.33 13.44
CA SER B 134 -9.69 16.46 14.53
C SER B 134 -11.18 16.15 14.43
N ALA B 135 -11.50 14.88 14.10
CA ALA B 135 -12.88 14.52 13.83
C ALA B 135 -13.75 14.61 15.09
N THR B 136 -13.19 14.33 16.26
CA THR B 136 -13.87 14.55 17.52
C THR B 136 -13.37 15.79 18.23
N GLY B 137 -12.59 16.62 17.56
CA GLY B 137 -12.07 17.83 18.18
C GLY B 137 -11.00 17.58 19.21
N ALA B 138 -10.19 16.54 19.03
CA ALA B 138 -9.13 16.23 19.98
C ALA B 138 -8.08 17.35 20.01
N TYR B 139 -7.53 17.57 21.20
CA TYR B 139 -6.62 18.68 21.46
C TYR B 139 -5.18 18.22 21.25
N SER B 140 -4.54 18.75 20.20
CA SER B 140 -3.16 18.43 19.90
C SER B 140 -2.25 19.46 20.54
N PRO B 141 -0.98 19.14 20.65
CA PRO B 141 0.05 20.14 20.92
C PRO B 141 -0.16 21.45 20.16
N LEU B 142 -0.72 21.37 18.95
CA LEU B 142 -0.74 22.53 18.07
C LEU B 142 -1.94 23.45 18.34
N VAL B 143 -3.12 22.89 18.60
CA VAL B 143 -4.35 23.65 18.70
C VAL B 143 -4.93 23.48 20.09
N ASP B 144 -5.55 24.55 20.60
CA ASP B 144 -6.22 24.52 21.90
C ASP B 144 -7.74 24.54 21.82
N ASN B 145 -8.30 25.16 20.78
CA ASN B 145 -9.76 25.19 20.57
C ASN B 145 -10.05 24.68 19.17
N PRO B 146 -9.98 23.36 18.97
CA PRO B 146 -10.25 22.79 17.64
C PRO B 146 -11.74 22.58 17.44
N VAL B 147 -12.08 22.23 16.21
CA VAL B 147 -13.48 21.97 15.84
C VAL B 147 -13.58 20.52 15.36
N PRO B 148 -14.69 19.84 15.59
CA PRO B 148 -14.92 18.57 14.91
C PRO B 148 -15.07 18.79 13.42
N SER B 149 -14.52 17.87 12.63
CA SER B 149 -14.49 18.06 11.19
C SER B 149 -14.34 16.71 10.50
N PHE B 150 -14.57 16.74 9.18
CA PHE B 150 -14.21 15.66 8.27
C PHE B 150 -14.42 16.21 6.87
N MET B 151 -13.97 15.45 5.87
CA MET B 151 -14.14 15.90 4.49
C MET B 151 -14.67 14.77 3.63
N LEU B 152 -15.42 15.14 2.60
CA LEU B 152 -15.91 14.22 1.59
C LEU B 152 -15.36 14.64 0.23
N LEU B 153 -15.19 13.67 -0.66
CA LEU B 153 -14.75 14.00 -2.01
C LEU B 153 -15.43 13.06 -2.99
N GLU B 154 -16.09 13.64 -3.98
CA GLU B 154 -16.67 12.89 -5.08
C GLU B 154 -15.74 13.01 -6.27
N ILE B 155 -15.24 11.86 -6.73
CA ILE B 155 -14.24 11.79 -7.79
C ILE B 155 -14.85 11.13 -9.02
N ASN B 156 -15.40 11.93 -9.93
CA ASN B 156 -15.81 11.44 -11.24
C ASN B 156 -14.61 11.58 -12.18
N ASP B 157 -13.74 10.57 -12.14
CA ASP B 157 -12.52 10.49 -12.96
C ASP B 157 -11.67 11.72 -12.66
N SER B 158 -11.34 12.56 -13.65
CA SER B 158 -10.53 13.75 -13.44
C SER B 158 -11.26 14.86 -12.70
N GLU B 159 -12.58 14.75 -12.55
CA GLU B 159 -13.39 15.79 -11.93
C GLU B 159 -13.54 15.49 -10.44
N LEU B 160 -13.16 16.45 -9.60
CA LEU B 160 -13.10 16.24 -8.15
C LEU B 160 -13.84 17.36 -7.43
N THR B 161 -14.75 16.97 -6.53
CA THR B 161 -15.48 17.92 -5.68
C THR B 161 -15.23 17.58 -4.21
N ILE B 162 -15.07 18.61 -3.38
CA ILE B 162 -14.72 18.41 -1.97
C ILE B 162 -15.73 19.14 -1.07
N TYR B 163 -16.07 18.50 0.04
CA TYR B 163 -17.05 18.99 1.00
C TYR B 163 -16.40 19.00 2.39
N GLU B 164 -16.33 20.18 3.00
CA GLU B 164 -15.67 20.38 4.29
C GLU B 164 -16.72 20.51 5.38
N TYR B 165 -16.79 19.52 6.26
CA TYR B 165 -17.79 19.48 7.32
C TYR B 165 -17.14 19.83 8.65
N THR B 166 -17.69 20.84 9.32
CA THR B 166 -17.21 21.29 10.62
C THR B 166 -18.39 21.44 11.56
N LEU B 167 -18.27 20.89 12.77
CA LEU B 167 -19.31 21.02 13.77
C LEU B 167 -18.96 22.22 14.66
N VAL B 168 -19.30 23.41 14.17
CA VAL B 168 -18.88 24.65 14.81
C VAL B 168 -19.86 24.97 15.94
N ASP B 169 -19.35 24.91 17.19
CA ASP B 169 -20.10 25.24 18.40
C ASP B 169 -21.40 24.44 18.50
N GLY B 170 -22.40 24.80 17.72
CA GLY B 170 -23.69 24.15 17.81
C GLY B 170 -24.35 23.88 16.48
N SER B 171 -23.83 24.47 15.42
CA SER B 171 -24.35 24.26 14.08
C SER B 171 -23.32 23.53 13.22
N VAL B 172 -23.81 22.75 12.27
CA VAL B 172 -22.94 22.03 11.35
C VAL B 172 -22.79 22.84 10.08
N LYS B 173 -21.58 22.83 9.52
CA LYS B 173 -21.21 23.64 8.37
C LYS B 173 -20.63 22.74 7.29
N CYS B 174 -20.98 23.05 6.04
CA CYS B 174 -20.43 22.41 4.85
C CYS B 174 -19.87 23.49 3.93
N GLU B 175 -18.63 23.29 3.48
CA GLU B 175 -17.97 24.21 2.55
C GLU B 175 -17.46 23.42 1.37
N ARG B 176 -18.01 23.66 0.19
CA ARG B 176 -17.69 22.86 -0.98
C ARG B 176 -16.74 23.61 -1.91
N VAL B 177 -15.84 22.86 -2.55
CA VAL B 177 -14.92 23.40 -3.54
C VAL B 177 -14.96 22.50 -4.78
N ASP B 178 -14.86 23.14 -5.95
CA ASP B 178 -14.79 22.45 -7.24
C ASP B 178 -13.37 22.55 -7.77
N PHE B 179 -12.71 21.40 -7.95
CA PHE B 179 -11.36 21.33 -8.48
C PHE B 179 -11.28 20.38 -9.67
N ASN B 180 -12.40 20.21 -10.38
CA ASN B 180 -12.48 19.29 -11.51
C ASN B 180 -11.44 19.62 -12.58
ZN ZN C . 20.22 -13.48 -7.51
ZN ZN D . 18.99 -12.00 -5.93
ZN ZN E . -1.39 12.48 15.59
ZN ZN F . -4.12 12.98 16.58
#